data_6BWN
#
_entry.id   6BWN
#
_cell.length_a   110.981
_cell.length_b   110.981
_cell.length_c   206.024
_cell.angle_alpha   90.00
_cell.angle_beta   90.00
_cell.angle_gamma   120.00
#
_symmetry.space_group_name_H-M   'P 62 2 2'
#
loop_
_entity.id
_entity.type
_entity.pdbx_description
1 polymer Protocadherin-15
2 non-polymer 'CALCIUM ION'
3 non-polymer 'POTASSIUM ION'
4 water water
#
_entity_poly.entity_id   1
_entity_poly.type   'polypeptide(L)'
_entity_poly.pdbx_seq_one_letter_code
;MASNQSPPRFPQLMYSLEVSEAMRIGAILLNLQATDREGDPITYAIENGDPQRVFNLSETTGILSLGKALDRESTDRYIL
IVTASDGRPDGTSTATVNIVVTDVNDNAPVFDPYLPRNLSVVEEEANAFVGQVRATDPDAGINGQVHYSLGNFNNLFRIT
SNGSIYTAVKLNREARDHYELVVVATDGAVHPRHSTLTLYIKVLDIDLEHHHHHH
;
_entity_poly.pdbx_strand_id   A
#
loop_
_chem_comp.id
_chem_comp.type
_chem_comp.name
_chem_comp.formula
CA non-polymer 'CALCIUM ION' 'Ca 2'
K non-polymer 'POTASSIUM ION' 'K 1'
#
# COMPACT_ATOMS: atom_id res chain seq x y z
N ASN A 4 14.38 49.52 8.25
CA ASN A 4 12.98 49.65 7.76
C ASN A 4 12.19 48.38 8.02
N GLN A 5 12.67 47.28 7.43
CA GLN A 5 11.89 46.06 7.28
C GLN A 5 12.75 44.81 7.32
N SER A 6 12.33 43.84 8.12
CA SER A 6 12.75 42.45 7.98
C SER A 6 11.48 41.61 7.77
N PRO A 7 11.52 40.64 6.82
CA PRO A 7 10.40 39.70 6.69
C PRO A 7 10.28 38.78 7.90
N PRO A 8 9.11 38.13 8.08
CA PRO A 8 8.97 37.19 9.20
C PRO A 8 9.81 35.96 8.93
N ARG A 9 10.36 35.39 10.00
CA ARG A 9 11.27 34.29 9.84
C ARG A 9 10.71 33.04 10.50
N PHE A 10 10.57 31.98 9.69
CA PHE A 10 10.25 30.66 10.20
C PHE A 10 11.40 30.15 11.06
N PRO A 11 11.08 29.46 12.15
CA PRO A 11 12.15 28.84 12.97
C PRO A 11 13.20 28.05 12.16
N GLN A 12 12.73 27.08 11.36
CA GLN A 12 13.57 26.29 10.46
C GLN A 12 13.21 26.61 9.02
N LEU A 13 14.18 26.48 8.12
CA LEU A 13 13.93 26.75 6.71
C LEU A 13 13.53 25.48 5.96
N MET A 14 13.41 24.33 6.64
CA MET A 14 12.93 23.11 6.01
C MET A 14 12.44 22.12 7.07
N TYR A 15 11.20 21.65 6.97
CA TYR A 15 10.65 20.72 7.97
C TYR A 15 10.53 19.32 7.36
N SER A 16 10.41 18.30 8.20
CA SER A 16 10.20 16.92 7.75
C SER A 16 9.24 16.26 8.74
N LEU A 17 8.46 15.30 8.27
CA LEU A 17 7.32 14.83 9.03
C LEU A 17 6.76 13.52 8.47
N GLU A 18 6.52 12.54 9.34
CA GLU A 18 5.81 11.32 8.94
C GLU A 18 4.37 11.46 9.36
N VAL A 19 3.46 10.93 8.55
CA VAL A 19 2.05 10.81 8.91
C VAL A 19 1.62 9.44 8.48
N SER A 20 0.79 8.80 9.29
CA SER A 20 0.18 7.53 8.92
C SER A 20 -0.93 7.80 7.93
N GLU A 21 -1.17 6.86 7.01
CA GLU A 21 -2.27 7.00 6.07
C GLU A 21 -3.63 6.89 6.76
N ALA A 22 -3.65 6.32 7.97
CA ALA A 22 -4.89 6.13 8.71
C ALA A 22 -5.21 7.32 9.61
N MET A 23 -4.37 8.34 9.60
CA MET A 23 -4.56 9.50 10.47
C MET A 23 -5.89 10.20 10.17
N ARG A 24 -6.55 10.65 11.23
CA ARG A 24 -7.90 11.23 11.15
C ARG A 24 -7.93 12.62 10.57
N ILE A 25 -9.00 12.91 9.84
CA ILE A 25 -9.22 14.26 9.32
C ILE A 25 -9.33 15.22 10.50
N GLY A 26 -8.64 16.34 10.40
CA GLY A 26 -8.68 17.36 11.43
C GLY A 26 -7.50 17.29 12.38
N ALA A 27 -6.75 16.19 12.34
CA ALA A 27 -5.62 16.02 13.22
C ALA A 27 -4.55 17.06 12.93
N ILE A 28 -3.88 17.49 13.99
CA ILE A 28 -2.90 18.56 13.91
C ILE A 28 -1.56 17.92 13.56
N LEU A 29 -0.92 18.40 12.50
CA LEU A 29 0.32 17.79 12.02
C LEU A 29 1.57 18.57 12.41
N LEU A 30 1.57 19.88 12.23
CA LEU A 30 2.76 20.65 12.49
C LEU A 30 2.41 22.05 12.91
N ASN A 31 3.27 22.67 13.71
CA ASN A 31 3.11 24.08 14.09
C ASN A 31 4.25 24.86 13.47
N LEU A 32 3.98 25.52 12.35
CA LEU A 32 5.01 26.29 11.66
C LEU A 32 4.63 27.76 11.66
N GLN A 33 4.45 28.31 12.86
CA GLN A 33 4.29 29.76 13.02
C GLN A 33 5.66 30.44 13.05
N ALA A 34 5.70 31.64 12.49
CA ALA A 34 6.90 32.46 12.44
C ALA A 34 6.75 33.60 13.43
N THR A 35 7.71 34.52 13.44
CA THR A 35 7.61 35.77 14.20
C THR A 35 8.19 36.92 13.37
N ASP A 36 7.53 38.08 13.43
CA ASP A 36 8.04 39.31 12.81
C ASP A 36 8.71 40.13 13.92
N ARG A 37 9.95 40.57 13.67
CA ARG A 37 10.74 41.27 14.70
C ARG A 37 10.21 42.68 15.05
N GLU A 38 9.46 43.32 14.14
CA GLU A 38 8.72 44.56 14.47
C GLU A 38 7.21 44.33 14.71
N GLY A 39 6.85 43.17 15.29
CA GLY A 39 5.50 42.90 15.82
C GLY A 39 4.28 42.88 14.89
N ASP A 40 4.49 42.73 13.58
CA ASP A 40 3.39 42.75 12.60
C ASP A 40 2.49 41.51 12.69
N PRO A 41 1.27 41.57 12.11
CA PRO A 41 0.45 40.36 11.94
C PRO A 41 0.89 39.59 10.69
N ILE A 42 0.81 38.27 10.75
CA ILE A 42 1.41 37.37 9.77
C ILE A 42 0.34 36.52 9.08
N THR A 43 0.50 36.26 7.77
CA THR A 43 -0.45 35.49 6.96
C THR A 43 0.25 34.28 6.30
N TYR A 44 -0.20 33.09 6.70
CA TYR A 44 0.36 31.82 6.26
C TYR A 44 -0.47 31.20 5.14
N ALA A 45 0.20 30.68 4.11
CA ALA A 45 -0.46 29.96 3.02
C ALA A 45 0.45 28.88 2.40
N ILE A 46 -0.18 27.80 1.92
CA ILE A 46 0.53 26.77 1.16
C ILE A 46 0.57 27.25 -0.28
N GLU A 47 1.73 27.71 -0.74
CA GLU A 47 1.86 28.25 -2.09
C GLU A 47 1.73 27.12 -3.13
N ASN A 48 2.47 26.04 -2.92
CA ASN A 48 2.52 24.94 -3.86
C ASN A 48 2.62 23.62 -3.11
N GLY A 49 2.64 22.54 -3.87
CA GLY A 49 2.96 21.21 -3.37
C GLY A 49 1.78 20.36 -2.98
N ASP A 50 0.60 20.97 -2.92
CA ASP A 50 -0.59 20.26 -2.44
C ASP A 50 -1.73 20.55 -3.39
N PRO A 51 -1.73 19.92 -4.58
CA PRO A 51 -2.71 20.26 -5.60
C PRO A 51 -4.10 19.73 -5.33
N GLN A 52 -4.21 18.71 -4.50
CA GLN A 52 -5.50 18.15 -4.22
C GLN A 52 -6.05 18.69 -2.92
N ARG A 53 -5.37 19.67 -2.33
CA ARG A 53 -5.80 20.31 -1.11
C ARG A 53 -6.08 19.30 -0.01
N VAL A 54 -5.06 18.50 0.33
CA VAL A 54 -5.19 17.48 1.33
C VAL A 54 -4.99 18.10 2.71
N PHE A 55 -4.10 19.09 2.77
CA PHE A 55 -3.73 19.68 4.03
C PHE A 55 -4.31 21.07 4.19
N ASN A 56 -4.74 21.39 5.41
CA ASN A 56 -5.15 22.75 5.76
C ASN A 56 -4.07 23.46 6.58
N LEU A 57 -3.71 24.67 6.15
CA LEU A 57 -2.80 25.55 6.89
C LEU A 57 -3.57 26.81 7.31
N SER A 58 -3.79 26.98 8.61
CA SER A 58 -4.55 28.11 9.12
C SER A 58 -3.91 29.43 8.66
N GLU A 59 -4.75 30.31 8.15
CA GLU A 59 -4.30 31.59 7.62
C GLU A 59 -3.73 32.45 8.74
N THR A 60 -4.38 32.45 9.90
CA THR A 60 -3.95 33.27 11.00
C THR A 60 -3.06 32.53 12.00
N THR A 61 -3.40 31.29 12.33
CA THR A 61 -2.66 30.61 13.42
C THR A 61 -1.28 30.10 13.03
N GLY A 62 -1.16 29.34 11.95
CA GLY A 62 0.11 28.80 11.55
C GLY A 62 0.03 27.29 11.60
N ILE A 63 -0.92 26.79 12.37
CA ILE A 63 -1.16 25.36 12.49
C ILE A 63 -1.39 24.70 11.12
N LEU A 64 -0.75 23.54 10.90
CA LEU A 64 -0.96 22.70 9.71
C LEU A 64 -1.67 21.41 10.14
N SER A 65 -2.92 21.25 9.70
CA SER A 65 -3.72 20.09 10.01
C SER A 65 -3.98 19.32 8.72
N LEU A 66 -4.60 18.16 8.87
CA LEU A 66 -4.98 17.30 7.76
C LEU A 66 -6.42 17.63 7.40
N GLY A 67 -6.69 17.89 6.12
CA GLY A 67 -8.05 18.25 5.66
C GLY A 67 -8.83 17.10 5.04
N LYS A 68 -8.14 16.25 4.29
CA LYS A 68 -8.75 15.12 3.62
C LYS A 68 -8.00 13.86 3.98
N ALA A 69 -8.61 12.72 3.70
CA ALA A 69 -8.03 11.43 4.03
C ALA A 69 -6.86 11.13 3.10
N LEU A 70 -5.80 10.54 3.66
CA LEU A 70 -4.62 10.15 2.91
C LEU A 70 -4.73 8.72 2.38
N ASP A 71 -3.84 8.37 1.47
CA ASP A 71 -3.68 7.01 1.00
C ASP A 71 -2.28 6.89 0.45
N ARG A 72 -1.48 5.97 0.96
CA ARG A 72 -0.10 5.89 0.50
C ARG A 72 0.09 5.03 -0.72
N GLU A 73 -0.98 4.36 -1.13
CA GLU A 73 -0.96 3.57 -2.35
C GLU A 73 -1.17 4.48 -3.54
N SER A 74 -1.74 5.66 -3.31
CA SER A 74 -1.90 6.71 -4.34
C SER A 74 -0.79 7.75 -4.32
N THR A 75 -0.48 8.20 -3.11
CA THR A 75 0.55 9.21 -2.85
C THR A 75 1.22 8.94 -1.50
N ASP A 76 2.55 8.77 -1.50
CA ASP A 76 3.30 8.46 -0.29
C ASP A 76 4.17 9.62 0.18
N ARG A 77 4.22 10.71 -0.59
CA ARG A 77 5.13 11.81 -0.33
C ARG A 77 4.53 13.14 -0.81
N TYR A 78 4.71 14.19 -0.01
CA TYR A 78 4.35 15.54 -0.41
C TYR A 78 5.53 16.47 -0.14
N ILE A 79 5.68 17.51 -0.96
CA ILE A 79 6.62 18.60 -0.69
C ILE A 79 5.83 19.91 -0.77
N LEU A 80 5.40 20.38 0.41
CA LEU A 80 4.70 21.66 0.52
C LEU A 80 5.70 22.81 0.46
N ILE A 81 5.32 23.87 -0.26
CA ILE A 81 6.01 25.14 -0.19
C ILE A 81 5.11 26.10 0.59
N VAL A 82 5.49 26.41 1.83
CA VAL A 82 4.67 27.31 2.67
C VAL A 82 5.28 28.72 2.69
N THR A 83 4.42 29.71 2.94
CA THR A 83 4.83 31.12 3.06
C THR A 83 4.20 31.79 4.25
N ALA A 84 5.01 32.60 4.96
CA ALA A 84 4.53 33.56 5.94
C ALA A 84 4.83 34.95 5.40
N SER A 85 3.83 35.82 5.35
CA SER A 85 4.01 37.22 4.92
C SER A 85 3.41 38.24 5.90
N ASP A 86 4.05 39.42 5.97
CA ASP A 86 3.63 40.53 6.86
C ASP A 86 2.76 41.59 6.17
N GLY A 87 2.83 41.70 4.84
CA GLY A 87 2.04 42.66 4.08
C GLY A 87 2.90 43.43 3.10
N ARG A 88 4.11 43.82 3.52
CA ARG A 88 4.98 44.73 2.74
C ARG A 88 5.39 44.15 1.38
N PRO A 89 5.71 45.05 0.40
CA PRO A 89 6.05 44.66 -0.99
C PRO A 89 6.91 43.40 -1.14
N ASP A 90 7.97 43.30 -0.33
CA ASP A 90 8.73 42.05 -0.19
C ASP A 90 9.02 41.81 1.30
N GLY A 91 7.94 41.49 2.02
CA GLY A 91 8.02 41.04 3.41
C GLY A 91 7.31 39.70 3.53
N THR A 92 7.73 38.76 2.69
CA THR A 92 7.16 37.43 2.61
C THR A 92 8.29 36.40 2.48
N SER A 93 8.31 35.40 3.36
CA SER A 93 9.37 34.39 3.37
C SER A 93 8.86 32.97 3.09
N THR A 94 9.76 32.09 2.66
CA THR A 94 9.38 30.74 2.20
C THR A 94 10.10 29.63 2.95
N ALA A 95 9.32 28.73 3.56
CA ALA A 95 9.82 27.45 4.07
C ALA A 95 9.28 26.31 3.23
N THR A 96 9.80 25.10 3.50
CA THR A 96 9.38 23.94 2.76
C THR A 96 9.18 22.75 3.66
N VAL A 97 7.92 22.36 3.82
CA VAL A 97 7.57 21.14 4.54
C VAL A 97 7.62 19.95 3.57
N ASN A 98 8.19 18.85 4.07
CA ASN A 98 8.50 17.61 3.36
C ASN A 98 7.77 16.52 4.11
N ILE A 99 6.65 16.01 3.56
CA ILE A 99 5.80 15.02 4.26
C ILE A 99 5.92 13.62 3.65
N VAL A 100 5.94 12.62 4.52
CA VAL A 100 6.10 11.20 4.14
C VAL A 100 4.98 10.38 4.75
N VAL A 101 4.23 9.65 3.93
CA VAL A 101 3.10 8.89 4.43
C VAL A 101 3.55 7.47 4.73
N THR A 102 3.17 6.96 5.90
CA THR A 102 3.59 5.64 6.36
C THR A 102 2.44 4.65 6.22
N ASP A 103 2.80 3.37 6.09
CA ASP A 103 1.83 2.34 5.70
C ASP A 103 0.93 1.88 6.82
N VAL A 104 -0.25 1.40 6.43
CA VAL A 104 -1.15 0.60 7.25
C VAL A 104 -1.59 -0.58 6.37
N ASN A 105 -1.89 -1.73 6.97
CA ASN A 105 -2.34 -2.91 6.21
C ASN A 105 -3.84 -2.84 5.85
N ASP A 106 -4.16 -1.95 4.92
CA ASP A 106 -5.57 -1.73 4.51
C ASP A 106 -5.88 -2.35 3.13
N ASN A 107 -5.11 -3.35 2.73
CA ASN A 107 -5.29 -3.98 1.40
C ASN A 107 -5.01 -5.48 1.46
N ALA A 108 -5.89 -6.27 0.83
CA ALA A 108 -5.74 -7.72 0.76
C ALA A 108 -4.95 -8.09 -0.48
N PRO A 109 -4.32 -9.28 -0.47
CA PRO A 109 -3.78 -9.77 -1.74
C PRO A 109 -4.89 -9.89 -2.78
N VAL A 110 -4.49 -9.82 -4.03
CA VAL A 110 -5.41 -9.94 -5.16
C VAL A 110 -4.73 -10.78 -6.23
N PHE A 111 -5.43 -11.80 -6.72
CA PHE A 111 -4.86 -12.71 -7.70
C PHE A 111 -4.91 -12.07 -9.09
N ASP A 112 -3.81 -12.23 -9.82
CA ASP A 112 -3.72 -11.86 -11.23
C ASP A 112 -4.89 -12.56 -11.91
N PRO A 113 -5.84 -11.79 -12.44
CA PRO A 113 -6.96 -12.47 -13.07
C PRO A 113 -6.66 -13.06 -14.43
N TYR A 114 -5.47 -12.78 -15.00
CA TYR A 114 -5.14 -13.17 -16.38
C TYR A 114 -4.42 -14.50 -16.51
N LEU A 115 -3.68 -14.91 -15.48
CA LEU A 115 -3.06 -16.23 -15.44
C LEU A 115 -4.12 -17.34 -15.56
N PRO A 116 -3.72 -18.53 -16.06
CA PRO A 116 -4.71 -19.59 -16.25
C PRO A 116 -5.28 -20.11 -14.93
N ARG A 117 -6.55 -20.49 -14.98
CA ARG A 117 -7.19 -21.25 -13.91
C ARG A 117 -7.28 -22.73 -14.28
N ASN A 118 -7.76 -23.03 -15.49
CA ASN A 118 -7.85 -24.43 -15.95
C ASN A 118 -6.45 -25.01 -16.16
N LEU A 119 -6.09 -26.02 -15.35
CA LEU A 119 -4.77 -26.66 -15.36
C LEU A 119 -4.83 -28.17 -15.66
N SER A 120 -3.68 -28.81 -15.82
CA SER A 120 -3.65 -30.23 -16.15
C SER A 120 -2.38 -30.90 -15.65
N VAL A 121 -2.58 -32.10 -15.12
CA VAL A 121 -1.47 -32.89 -14.64
C VAL A 121 -1.76 -34.34 -15.01
N VAL A 122 -0.71 -35.07 -15.34
CA VAL A 122 -0.82 -36.48 -15.69
C VAL A 122 -1.03 -37.32 -14.41
N GLU A 123 -1.75 -38.45 -14.55
CA GLU A 123 -1.97 -39.38 -13.43
C GLU A 123 -0.74 -40.21 -13.13
N GLU A 124 -0.77 -40.95 -12.02
CA GLU A 124 0.31 -41.83 -11.57
C GLU A 124 1.70 -41.17 -11.51
N GLU A 125 1.73 -39.88 -11.17
CA GLU A 125 2.95 -39.09 -11.11
C GLU A 125 2.82 -38.12 -9.93
N ALA A 126 3.85 -38.11 -9.06
CA ALA A 126 3.92 -37.30 -7.85
C ALA A 126 5.12 -36.36 -7.90
N ASN A 127 4.92 -35.17 -7.38
CA ASN A 127 5.83 -34.05 -7.49
C ASN A 127 5.85 -33.69 -8.95
N ALA A 128 4.64 -33.54 -9.48
CA ALA A 128 4.43 -33.20 -10.85
C ALA A 128 3.98 -31.77 -10.86
N PHE A 129 4.51 -30.97 -11.78
CA PHE A 129 4.19 -29.56 -11.81
C PHE A 129 2.79 -29.38 -12.38
N VAL A 130 1.88 -28.84 -11.59
CA VAL A 130 0.52 -28.59 -12.07
C VAL A 130 0.44 -27.24 -12.80
N GLY A 131 1.06 -26.23 -12.22
CA GLY A 131 0.98 -24.86 -12.71
C GLY A 131 1.40 -23.90 -11.63
N GLN A 132 1.27 -22.60 -11.91
CA GLN A 132 1.67 -21.53 -10.97
C GLN A 132 0.62 -20.39 -10.95
N VAL A 133 0.25 -19.94 -9.76
CA VAL A 133 -0.57 -18.76 -9.58
C VAL A 133 0.31 -17.71 -8.94
N ARG A 134 -0.23 -16.50 -8.83
CA ARG A 134 0.48 -15.38 -8.24
C ARG A 134 -0.56 -14.41 -7.73
N ALA A 135 -0.31 -13.77 -6.61
CA ALA A 135 -1.17 -12.71 -6.12
C ALA A 135 -0.28 -11.62 -5.60
N THR A 136 -0.76 -10.38 -5.62
CA THR A 136 0.05 -9.23 -5.24
C THR A 136 -0.71 -8.36 -4.29
N ASP A 137 0.04 -7.63 -3.46
CA ASP A 137 -0.53 -6.81 -2.41
C ASP A 137 0.16 -5.44 -2.44
N PRO A 138 -0.62 -4.36 -2.53
CA PRO A 138 -0.02 -3.04 -2.68
C PRO A 138 0.60 -2.44 -1.43
N ASP A 139 0.28 -2.97 -0.25
CA ASP A 139 0.86 -2.47 1.01
C ASP A 139 2.37 -2.70 1.05
N ALA A 140 3.00 -2.10 2.07
CA ALA A 140 4.47 -1.98 2.18
C ALA A 140 5.07 -2.96 3.18
N GLY A 141 6.30 -3.37 2.89
CA GLY A 141 7.04 -4.30 3.76
C GLY A 141 6.29 -5.60 3.94
N ILE A 142 6.29 -6.12 5.16
CA ILE A 142 5.52 -7.33 5.48
C ILE A 142 4.03 -7.23 5.17
N ASN A 143 3.47 -6.02 5.13
CA ASN A 143 2.03 -5.87 4.82
C ASN A 143 1.65 -6.27 3.40
N GLY A 144 2.64 -6.35 2.50
CA GLY A 144 2.44 -6.88 1.16
C GLY A 144 3.28 -8.07 0.75
N GLN A 145 3.85 -8.78 1.72
CA GLN A 145 4.49 -10.05 1.44
C GLN A 145 3.41 -11.12 1.46
N VAL A 146 3.28 -11.85 0.35
CA VAL A 146 2.20 -12.82 0.17
C VAL A 146 2.70 -14.25 0.43
N HIS A 147 1.94 -14.99 1.23
CA HIS A 147 2.19 -16.41 1.52
C HIS A 147 1.03 -17.21 0.96
N TYR A 148 1.35 -18.26 0.21
CA TYR A 148 0.36 -19.11 -0.46
C TYR A 148 0.07 -20.37 0.36
N SER A 149 -1.20 -20.79 0.36
CA SER A 149 -1.59 -22.05 1.00
C SER A 149 -2.84 -22.63 0.34
N LEU A 150 -3.07 -23.93 0.51
CA LEU A 150 -4.21 -24.62 -0.11
C LEU A 150 -5.32 -24.82 0.91
N GLY A 151 -6.55 -24.48 0.54
CA GLY A 151 -7.72 -24.60 1.40
C GLY A 151 -8.47 -25.93 1.31
N ASN A 152 -8.02 -26.84 0.45
CA ASN A 152 -8.52 -28.22 0.41
C ASN A 152 -7.52 -29.15 -0.31
N PHE A 153 -7.82 -30.45 -0.36
CA PHE A 153 -6.96 -31.45 -1.05
C PHE A 153 -5.47 -31.42 -0.63
N ASN A 154 -5.23 -31.13 0.65
CA ASN A 154 -3.88 -30.90 1.15
C ASN A 154 -3.05 -32.17 1.17
N ASN A 155 -3.71 -33.32 1.23
CA ASN A 155 -3.01 -34.62 1.13
C ASN A 155 -2.56 -35.00 -0.30
N LEU A 156 -3.20 -34.37 -1.30
CA LEU A 156 -2.93 -34.57 -2.73
C LEU A 156 -2.02 -33.50 -3.40
N PHE A 157 -2.17 -32.22 -3.03
CA PHE A 157 -1.38 -31.12 -3.64
C PHE A 157 -0.63 -30.30 -2.60
N ARG A 158 0.58 -29.86 -2.94
CA ARG A 158 1.28 -28.85 -2.13
C ARG A 158 1.52 -27.61 -2.98
N ILE A 159 1.65 -26.45 -2.33
CA ILE A 159 1.97 -25.18 -2.99
C ILE A 159 3.19 -24.52 -2.33
N THR A 160 4.01 -23.85 -3.15
CA THR A 160 5.26 -23.21 -2.72
C THR A 160 5.10 -21.68 -2.53
N SER A 161 6.11 -21.07 -1.89
CA SER A 161 6.21 -19.60 -1.76
C SER A 161 6.16 -18.82 -3.08
N ASN A 162 6.71 -19.37 -4.18
CA ASN A 162 6.60 -18.73 -5.51
C ASN A 162 5.27 -19.03 -6.26
N GLY A 163 4.29 -19.58 -5.55
CA GLY A 163 2.97 -19.87 -6.13
C GLY A 163 2.86 -21.15 -6.93
N SER A 164 3.97 -21.87 -7.12
CA SER A 164 3.98 -23.10 -7.92
C SER A 164 3.30 -24.27 -7.19
N ILE A 165 2.42 -24.97 -7.87
CA ILE A 165 1.64 -26.08 -7.32
C ILE A 165 2.15 -27.44 -7.83
N TYR A 166 2.27 -28.42 -6.93
CA TYR A 166 2.64 -29.81 -7.33
C TYR A 166 1.73 -30.89 -6.74
N THR A 167 1.68 -32.02 -7.43
CA THR A 167 1.08 -33.22 -6.84
C THR A 167 1.96 -33.71 -5.70
N ALA A 168 1.32 -34.01 -4.57
CA ALA A 168 1.99 -34.58 -3.39
C ALA A 168 2.10 -36.11 -3.50
N VAL A 169 1.24 -36.71 -4.31
CA VAL A 169 1.08 -38.16 -4.40
C VAL A 169 0.65 -38.53 -5.81
N LYS A 170 0.95 -39.77 -6.23
CA LYS A 170 0.46 -40.29 -7.52
C LYS A 170 -1.07 -40.18 -7.55
N LEU A 171 -1.63 -39.41 -8.49
CA LEU A 171 -3.08 -39.32 -8.65
C LEU A 171 -3.59 -40.47 -9.50
N ASN A 172 -4.91 -40.65 -9.52
CA ASN A 172 -5.55 -41.78 -10.21
C ASN A 172 -6.84 -41.35 -10.93
N ARG A 173 -6.77 -41.23 -12.25
CA ARG A 173 -7.89 -40.68 -13.02
C ARG A 173 -9.18 -41.42 -12.73
N GLU A 174 -9.11 -42.74 -12.63
CA GLU A 174 -10.29 -43.59 -12.44
C GLU A 174 -10.96 -43.35 -11.11
N ALA A 175 -10.18 -42.94 -10.10
CA ALA A 175 -10.71 -42.49 -8.81
C ALA A 175 -11.42 -41.15 -8.96
N ARG A 176 -10.75 -40.21 -9.60
CA ARG A 176 -11.30 -38.87 -9.76
C ARG A 176 -10.48 -38.15 -10.82
N ASP A 177 -11.18 -37.41 -11.71
CA ASP A 177 -10.56 -36.66 -12.82
C ASP A 177 -10.61 -35.11 -12.74
N HIS A 178 -11.58 -34.53 -12.03
CA HIS A 178 -11.59 -33.09 -11.79
C HIS A 178 -11.31 -32.78 -10.32
N TYR A 179 -10.64 -31.66 -10.07
CA TYR A 179 -10.44 -31.10 -8.72
C TYR A 179 -10.67 -29.59 -8.76
N GLU A 180 -11.67 -29.12 -8.02
CA GLU A 180 -11.85 -27.69 -7.83
C GLU A 180 -10.98 -27.26 -6.65
N LEU A 181 -9.67 -27.08 -6.90
CA LEU A 181 -8.70 -26.72 -5.85
C LEU A 181 -8.87 -25.27 -5.40
N VAL A 182 -8.50 -24.97 -4.16
CA VAL A 182 -8.62 -23.62 -3.61
C VAL A 182 -7.27 -23.15 -3.07
N VAL A 183 -6.86 -21.97 -3.53
CA VAL A 183 -5.59 -21.38 -3.14
C VAL A 183 -5.90 -20.17 -2.27
N VAL A 184 -5.06 -19.96 -1.27
CA VAL A 184 -5.23 -18.89 -0.31
C VAL A 184 -3.95 -18.07 -0.26
N ALA A 185 -4.07 -16.82 -0.74
CA ALA A 185 -3.01 -15.82 -0.62
C ALA A 185 -3.25 -14.98 0.63
N THR A 186 -2.23 -14.90 1.48
CA THR A 186 -2.29 -14.21 2.76
C THR A 186 -1.05 -13.34 2.93
N ASP A 187 -1.26 -12.10 3.37
CA ASP A 187 -0.16 -11.16 3.62
C ASP A 187 0.44 -11.42 4.97
N GLY A 188 1.73 -11.13 5.10
CA GLY A 188 2.46 -11.39 6.33
C GLY A 188 2.37 -10.29 7.39
N ALA A 189 1.25 -9.57 7.41
CA ALA A 189 1.06 -8.46 8.34
C ALA A 189 0.73 -9.00 9.71
N VAL A 190 0.87 -8.13 10.69
CA VAL A 190 0.52 -8.44 12.09
C VAL A 190 -0.97 -8.74 12.23
N HIS A 191 -1.81 -7.93 11.57
CA HIS A 191 -3.26 -8.21 11.48
C HIS A 191 -3.59 -8.59 10.04
N PRO A 192 -3.48 -9.90 9.72
CA PRO A 192 -3.36 -10.29 8.32
C PRO A 192 -4.68 -10.27 7.56
N ARG A 193 -4.59 -10.05 6.25
CA ARG A 193 -5.70 -10.18 5.31
C ARG A 193 -5.36 -11.24 4.27
N HIS A 194 -6.40 -11.77 3.63
CA HIS A 194 -6.25 -12.86 2.67
C HIS A 194 -7.31 -12.77 1.60
N SER A 195 -7.09 -13.47 0.50
CA SER A 195 -8.14 -13.73 -0.48
C SER A 195 -7.95 -15.13 -1.04
N THR A 196 -8.94 -15.60 -1.79
CA THR A 196 -8.93 -16.96 -2.33
C THR A 196 -9.28 -17.02 -3.81
N LEU A 197 -8.74 -18.03 -4.48
CA LEU A 197 -9.00 -18.28 -5.89
C LEU A 197 -9.24 -19.76 -6.07
N THR A 198 -10.30 -20.12 -6.78
CA THR A 198 -10.57 -21.51 -7.14
C THR A 198 -9.95 -21.87 -8.49
N LEU A 199 -9.14 -22.94 -8.53
CA LEU A 199 -8.61 -23.50 -9.77
C LEU A 199 -9.42 -24.73 -10.14
N TYR A 200 -9.31 -25.13 -11.40
CA TYR A 200 -10.06 -26.26 -11.95
C TYR A 200 -9.06 -27.19 -12.61
N ILE A 201 -8.58 -28.16 -11.83
CA ILE A 201 -7.48 -29.04 -12.25
C ILE A 201 -8.03 -30.30 -12.90
N LYS A 202 -7.45 -30.70 -14.03
CA LYS A 202 -7.92 -31.85 -14.81
C LYS A 202 -6.83 -32.91 -14.77
N VAL A 203 -7.22 -34.17 -14.63
CA VAL A 203 -6.24 -35.27 -14.61
C VAL A 203 -6.22 -36.00 -15.95
N LEU A 204 -5.02 -36.20 -16.49
CA LEU A 204 -4.84 -36.91 -17.76
C LEU A 204 -4.24 -38.26 -17.47
N ASP A 205 -4.23 -39.14 -18.46
CA ASP A 205 -3.57 -40.46 -18.28
C ASP A 205 -2.46 -40.76 -19.28
N ILE A 206 -1.39 -41.40 -18.81
CA ILE A 206 -0.42 -42.06 -19.71
C ILE A 206 -1.16 -43.14 -20.51
N ASP A 207 -0.89 -43.21 -21.82
CA ASP A 207 -1.70 -44.03 -22.75
C ASP A 207 -1.12 -45.45 -22.95
N LEU A 208 -1.42 -46.34 -21.99
CA LEU A 208 -1.16 -47.79 -22.09
C LEU A 208 -2.19 -48.58 -21.23
N GLU A 209 -2.03 -48.53 -19.90
CA GLU A 209 -3.01 -49.10 -18.93
C GLU A 209 -2.67 -48.69 -17.49
CA CA B . -1.58 0.57 2.81
CA CA C . -1.82 -6.26 2.72
K K D . -4.55 2.52 1.43
#